data_5J99
#
_entry.id   5J99
#
_cell.length_a   63.871
_cell.length_b   66.035
_cell.length_c   86.838
_cell.angle_alpha   90.00
_cell.angle_beta   90.00
_cell.angle_gamma   90.00
#
_symmetry.space_group_name_H-M   'P 21 21 21'
#
loop_
_entity.id
_entity.type
_entity.pdbx_description
1 polymer 'Arginine kinase'
2 non-polymer "ADENOSINE-5'-DIPHOSPHATE"
3 non-polymer ARGININE
4 non-polymer 'NITRATE ION'
5 non-polymer 'MAGNESIUM ION'
6 water water
#
_entity_poly.entity_id   1
_entity_poly.type   'polypeptide(L)'
_entity_poly.pdbx_seq_one_letter_code
;MVDQATLDKLEAGFKKLQEASDCKSLLKKHLTKDVFDSIKNKKTGMGATLLDVIQSGVENLDSGVGIYAPDAESYRTFGP
LFDPIIDDYHGGFKLTDKHPPKQWGDINTLVGLDPAGQFIISTRVRCGRSLQGYPFNPCLTAEQYKEMEEKVSSTLSSME
DELKGTYYPLTGMSKATQQQLIDDHFLFKEGDRFLQTANACRYWPTGRGIFHNDAKTFLVWVNEEDHLRIISMQKGGDLK
TVYKRLVTAVDNIESKLPFSHDDRFGFLTFCPTNLGTTMRASVHIQLPKLAKDRKVLEDIASKFNLQVRGTRGEHTESEG
GVYDISNKRRLGLTEYQAVREMQDGILEMIKMEKAAA
;
_entity_poly.pdbx_strand_id   A
#
loop_
_chem_comp.id
_chem_comp.type
_chem_comp.name
_chem_comp.formula
ADP non-polymer ADENOSINE-5'-DIPHOSPHATE 'C10 H15 N5 O10 P2'
MG non-polymer 'MAGNESIUM ION' 'Mg 2'
NO3 non-polymer 'NITRATE ION' 'N O3 -1'
#
# COMPACT_ATOMS: atom_id res chain seq x y z
N VAL A 2 -14.82 -23.12 -13.61
CA VAL A 2 -15.05 -22.99 -12.16
C VAL A 2 -16.06 -24.05 -11.68
N ASP A 3 -15.65 -24.88 -10.71
CA ASP A 3 -16.53 -25.92 -10.15
C ASP A 3 -17.68 -25.35 -9.29
N GLN A 4 -18.74 -26.14 -9.16
CA GLN A 4 -20.00 -25.72 -8.52
C GLN A 4 -19.83 -25.32 -7.07
N ALA A 5 -18.87 -25.93 -6.40
CA ALA A 5 -18.59 -25.64 -5.00
C ALA A 5 -18.18 -24.19 -4.84
N THR A 6 -17.32 -23.74 -5.74
CA THR A 6 -16.87 -22.36 -5.75
C THR A 6 -18.01 -21.43 -6.16
N LEU A 7 -18.83 -21.85 -7.14
CA LEU A 7 -19.93 -21.01 -7.59
C LEU A 7 -20.94 -20.80 -6.45
N ASP A 8 -21.23 -21.86 -5.72
CA ASP A 8 -22.11 -21.75 -4.55
C ASP A 8 -21.59 -20.76 -3.53
N LYS A 9 -20.29 -20.83 -3.24
CA LYS A 9 -19.67 -19.91 -2.29
C LYS A 9 -19.74 -18.49 -2.80
N LEU A 10 -19.56 -18.31 -4.11
CA LEU A 10 -19.65 -16.98 -4.72
C LEU A 10 -21.05 -16.40 -4.59
N GLU A 11 -22.05 -17.22 -4.92
CA GLU A 11 -23.45 -16.82 -4.81
C GLU A 11 -23.78 -16.43 -3.37
N ALA A 12 -23.32 -17.24 -2.42
CA ALA A 12 -23.53 -16.97 -1.01
C ALA A 12 -22.85 -15.66 -0.63
N GLY A 13 -21.65 -15.44 -1.16
CA GLY A 13 -20.91 -14.23 -0.86
C GLY A 13 -21.60 -12.97 -1.38
N PHE A 14 -22.11 -13.06 -2.61
CA PHE A 14 -22.79 -11.94 -3.23
C PHE A 14 -24.04 -11.55 -2.40
N LYS A 15 -24.81 -12.55 -1.97
CA LYS A 15 -25.98 -12.25 -1.15
C LYS A 15 -25.61 -11.55 0.17
N LYS A 16 -24.51 -11.99 0.79
CA LYS A 16 -24.06 -11.34 2.03
C LYS A 16 -23.70 -9.87 1.81
N LEU A 17 -23.09 -9.55 0.67
CA LEU A 17 -22.75 -8.17 0.34
C LEU A 17 -24.01 -7.33 0.21
N GLN A 18 -24.96 -7.85 -0.58
CA GLN A 18 -26.25 -7.20 -0.85
C GLN A 18 -27.00 -6.88 0.44
N GLU A 19 -27.04 -7.85 1.34
CA GLU A 19 -27.83 -7.76 2.56
C GLU A 19 -27.13 -6.97 3.66
N ALA A 20 -25.80 -6.87 3.57
CA ALA A 20 -25.06 -6.08 4.55
C ALA A 20 -25.21 -4.59 4.24
N SER A 21 -26.17 -3.94 4.88
CA SER A 21 -26.44 -2.52 4.65
C SER A 21 -25.47 -1.60 5.41
N ASP A 22 -24.81 -2.13 6.44
CA ASP A 22 -23.78 -1.39 7.18
C ASP A 22 -22.43 -1.39 6.45
N CYS A 23 -22.37 -2.12 5.34
CA CYS A 23 -21.15 -2.23 4.54
C CYS A 23 -21.01 -1.06 3.57
N LYS A 24 -19.83 -0.43 3.58
CA LYS A 24 -19.60 0.72 2.72
C LYS A 24 -18.35 0.58 1.85
N SER A 25 -17.99 -0.64 1.49
CA SER A 25 -16.77 -0.88 0.72
C SER A 25 -16.95 -0.59 -0.77
N LEU A 26 -15.85 -0.40 -1.50
CA LEU A 26 -15.94 -0.21 -2.96
C LEU A 26 -16.41 -1.51 -3.59
N LEU A 27 -16.08 -2.63 -2.95
CA LEU A 27 -16.59 -3.91 -3.44
C LEU A 27 -18.10 -3.94 -3.48
N LYS A 28 -18.76 -3.55 -2.39
CA LYS A 28 -20.21 -3.58 -2.37
C LYS A 28 -20.78 -2.62 -3.42
N LYS A 29 -20.11 -1.47 -3.57
CA LYS A 29 -20.61 -0.43 -4.45
C LYS A 29 -20.62 -0.89 -5.90
N HIS A 30 -19.52 -1.52 -6.30
CA HIS A 30 -19.24 -1.81 -7.69
C HIS A 30 -19.53 -3.24 -8.18
N LEU A 31 -19.69 -4.18 -7.25
CA LEU A 31 -20.06 -5.54 -7.66
C LEU A 31 -21.57 -5.68 -7.75
N THR A 32 -22.10 -5.16 -8.85
CA THR A 32 -23.52 -5.30 -9.21
C THR A 32 -23.83 -6.69 -9.77
N LYS A 33 -25.11 -7.04 -9.84
CA LYS A 33 -25.47 -8.36 -10.32
C LYS A 33 -25.04 -8.49 -11.78
N ASP A 34 -25.13 -7.38 -12.53
CA ASP A 34 -24.67 -7.35 -13.92
C ASP A 34 -23.18 -7.71 -13.98
N VAL A 35 -22.37 -7.02 -13.19
CA VAL A 35 -20.94 -7.29 -13.19
C VAL A 35 -20.65 -8.73 -12.74
N PHE A 36 -21.25 -9.12 -11.61
CA PHE A 36 -21.08 -10.46 -11.02
C PHE A 36 -21.36 -11.61 -12.01
N ASP A 37 -22.52 -11.53 -12.66
CA ASP A 37 -22.91 -12.57 -13.60
C ASP A 37 -21.94 -12.71 -14.76
N SER A 38 -21.36 -11.60 -15.21
CA SER A 38 -20.47 -11.69 -16.37
C SER A 38 -19.08 -12.23 -16.07
N ILE A 39 -18.62 -12.15 -14.81
CA ILE A 39 -17.27 -12.62 -14.49
C ILE A 39 -17.22 -13.84 -13.56
N LYS A 40 -18.36 -14.26 -12.99
CA LYS A 40 -18.31 -15.26 -11.92
C LYS A 40 -17.82 -16.65 -12.40
N ASN A 41 -17.83 -16.88 -13.71
CA ASN A 41 -17.41 -18.18 -14.21
C ASN A 41 -16.00 -18.19 -14.76
N LYS A 42 -15.33 -17.05 -14.75
CA LYS A 42 -14.00 -16.94 -15.33
C LYS A 42 -12.88 -17.37 -14.37
N LYS A 43 -11.77 -17.80 -14.96
CA LYS A 43 -10.67 -18.38 -14.20
C LYS A 43 -9.39 -17.95 -14.89
N THR A 44 -8.39 -17.53 -14.11
CA THR A 44 -7.12 -17.15 -14.72
C THR A 44 -6.26 -18.38 -14.99
N GLY A 45 -5.13 -18.16 -15.68
CA GLY A 45 -4.17 -19.19 -16.03
C GLY A 45 -3.57 -19.95 -14.86
N MET A 46 -3.56 -19.36 -13.67
CA MET A 46 -3.06 -20.07 -12.49
C MET A 46 -4.18 -20.55 -11.60
N GLY A 47 -5.40 -20.47 -12.11
CA GLY A 47 -6.54 -20.99 -11.39
C GLY A 47 -7.26 -20.06 -10.41
N ALA A 48 -6.83 -18.80 -10.31
CA ALA A 48 -7.53 -17.83 -9.49
C ALA A 48 -8.96 -17.63 -9.99
N THR A 49 -9.91 -17.61 -9.06
CA THR A 49 -11.32 -17.41 -9.38
C THR A 49 -11.80 -16.09 -8.78
N LEU A 50 -13.07 -15.74 -8.99
CA LEU A 50 -13.57 -14.50 -8.38
C LEU A 50 -13.56 -14.58 -6.85
N LEU A 51 -13.66 -15.80 -6.33
CA LEU A 51 -13.69 -15.98 -4.89
C LEU A 51 -12.36 -15.55 -4.26
N ASP A 52 -11.27 -15.83 -4.96
CA ASP A 52 -9.95 -15.46 -4.50
C ASP A 52 -9.78 -13.95 -4.47
N VAL A 53 -10.45 -13.28 -5.39
CA VAL A 53 -10.45 -11.82 -5.46
C VAL A 53 -11.24 -11.14 -4.32
N ILE A 54 -12.45 -11.64 -4.01
CA ILE A 54 -13.37 -10.89 -3.16
C ILE A 54 -13.50 -11.41 -1.73
N GLN A 55 -12.94 -12.59 -1.42
CA GLN A 55 -13.20 -13.21 -0.12
CA GLN A 55 -13.23 -13.20 -0.13
C GLN A 55 -12.87 -12.30 1.09
N SER A 56 -11.76 -11.57 1.02
CA SER A 56 -11.40 -10.71 2.15
C SER A 56 -12.48 -9.66 2.43
N GLY A 57 -13.08 -9.14 1.35
CA GLY A 57 -14.10 -8.11 1.47
C GLY A 57 -15.41 -8.70 1.95
N VAL A 58 -15.65 -9.96 1.64
CA VAL A 58 -16.87 -10.60 2.09
C VAL A 58 -16.76 -10.97 3.57
N GLU A 59 -15.57 -11.37 4.01
CA GLU A 59 -15.38 -11.77 5.41
C GLU A 59 -15.21 -10.59 6.35
N ASN A 60 -14.72 -9.48 5.82
CA ASN A 60 -14.51 -8.30 6.66
C ASN A 60 -15.41 -7.20 6.14
N LEU A 61 -16.61 -7.08 6.66
CA LEU A 61 -17.48 -6.09 6.03
C LEU A 61 -17.06 -4.65 6.40
N ASP A 62 -16.14 -4.47 7.36
CA ASP A 62 -15.61 -3.12 7.59
C ASP A 62 -14.48 -2.74 6.60
N SER A 63 -14.29 -3.53 5.53
CA SER A 63 -13.34 -3.21 4.45
C SER A 63 -13.71 -1.91 3.75
N GLY A 64 -12.70 -1.16 3.38
CA GLY A 64 -12.91 0.06 2.58
C GLY A 64 -12.89 -0.21 1.08
N VAL A 65 -12.10 -1.23 0.69
CA VAL A 65 -11.92 -1.60 -0.71
C VAL A 65 -12.49 -2.99 -0.87
N GLY A 66 -11.80 -3.98 -0.31
CA GLY A 66 -12.33 -5.34 -0.16
C GLY A 66 -11.98 -6.36 -1.25
N ILE A 67 -11.06 -6.01 -2.17
CA ILE A 67 -10.62 -6.96 -3.17
C ILE A 67 -9.09 -6.93 -3.25
N TYR A 68 -8.52 -8.01 -3.76
CA TYR A 68 -7.09 -8.16 -4.05
C TYR A 68 -6.91 -8.92 -5.34
N ALA A 69 -5.73 -8.78 -5.97
CA ALA A 69 -5.42 -9.50 -7.21
C ALA A 69 -4.57 -10.72 -6.86
N PRO A 70 -5.10 -11.92 -7.07
CA PRO A 70 -4.24 -13.07 -6.72
C PRO A 70 -3.01 -13.25 -7.67
N ASP A 71 -3.17 -12.83 -8.92
CA ASP A 71 -2.09 -12.84 -9.91
C ASP A 71 -2.26 -11.63 -10.82
N ALA A 72 -1.30 -11.39 -11.73
CA ALA A 72 -1.36 -10.20 -12.58
C ALA A 72 -2.52 -10.25 -13.57
N GLU A 73 -2.78 -11.44 -14.09
CA GLU A 73 -3.81 -11.66 -15.08
C GLU A 73 -5.18 -11.26 -14.55
N SER A 74 -5.38 -11.41 -13.25
CA SER A 74 -6.64 -11.07 -12.60
C SER A 74 -7.14 -9.68 -12.93
N TYR A 75 -6.22 -8.72 -13.00
CA TYR A 75 -6.60 -7.34 -13.31
C TYR A 75 -7.37 -7.24 -14.64
N ARG A 76 -7.06 -8.14 -15.58
CA ARG A 76 -7.77 -8.12 -16.87
C ARG A 76 -8.95 -9.11 -16.89
N THR A 77 -8.71 -10.35 -16.47
CA THR A 77 -9.77 -11.35 -16.38
C THR A 77 -10.97 -10.80 -15.62
N PHE A 78 -10.72 -10.14 -14.48
CA PHE A 78 -11.83 -9.62 -13.72
C PHE A 78 -11.94 -8.12 -13.88
N GLY A 79 -11.56 -7.65 -15.07
CA GLY A 79 -11.62 -6.24 -15.42
C GLY A 79 -12.92 -5.52 -15.08
N PRO A 80 -14.08 -6.14 -15.33
CA PRO A 80 -15.35 -5.42 -15.07
C PRO A 80 -15.56 -5.06 -13.59
N LEU A 81 -14.84 -5.71 -12.68
CA LEU A 81 -14.86 -5.35 -11.26
C LEU A 81 -13.73 -4.40 -10.90
N PHE A 82 -12.50 -4.76 -11.31
CA PHE A 82 -11.36 -3.92 -11.02
C PHE A 82 -11.45 -2.52 -11.61
N ASP A 83 -11.85 -2.40 -12.89
CA ASP A 83 -11.78 -1.11 -13.56
C ASP A 83 -12.59 -0.01 -12.84
N PRO A 84 -13.86 -0.31 -12.46
CA PRO A 84 -14.62 0.80 -11.82
C PRO A 84 -14.11 1.13 -10.39
N ILE A 85 -13.55 0.13 -9.71
CA ILE A 85 -13.01 0.35 -8.37
C ILE A 85 -11.76 1.19 -8.47
N ILE A 86 -10.94 0.85 -9.45
CA ILE A 86 -9.75 1.64 -9.74
C ILE A 86 -10.11 3.10 -10.12
N ASP A 87 -11.05 3.27 -11.02
CA ASP A 87 -11.50 4.63 -11.35
C ASP A 87 -12.01 5.43 -10.12
N ASP A 88 -12.78 4.78 -9.25
CA ASP A 88 -13.36 5.41 -8.08
C ASP A 88 -12.27 5.83 -7.09
N TYR A 89 -11.44 4.87 -6.70
CA TYR A 89 -10.45 5.09 -5.67
C TYR A 89 -9.41 6.15 -6.09
N HIS A 90 -8.88 6.05 -7.31
CA HIS A 90 -7.81 6.95 -7.73
C HIS A 90 -8.29 8.28 -8.30
N GLY A 91 -9.60 8.54 -8.26
CA GLY A 91 -10.06 9.87 -8.66
C GLY A 91 -10.22 10.15 -10.15
N GLY A 92 -10.47 9.10 -10.91
CA GLY A 92 -10.77 9.24 -12.30
C GLY A 92 -9.70 8.54 -13.08
N PHE A 93 -10.06 7.39 -13.64
CA PHE A 93 -9.14 6.63 -14.46
C PHE A 93 -10.05 5.83 -15.37
N LYS A 94 -10.23 6.37 -16.57
CA LYS A 94 -11.16 5.84 -17.56
C LYS A 94 -10.59 4.58 -18.17
N LEU A 95 -11.44 3.87 -18.90
CA LEU A 95 -11.04 2.65 -19.60
C LEU A 95 -9.99 2.95 -20.66
N THR A 96 -9.98 4.19 -21.14
CA THR A 96 -9.04 4.65 -22.16
C THR A 96 -7.81 5.33 -21.58
N ASP A 97 -7.70 5.40 -20.26
CA ASP A 97 -6.55 6.07 -19.66
C ASP A 97 -5.41 5.09 -19.48
N LYS A 98 -4.20 5.61 -19.43
CA LYS A 98 -3.05 4.77 -19.13
C LYS A 98 -2.13 5.55 -18.21
N HIS A 99 -1.52 4.85 -17.29
CA HIS A 99 -0.67 5.49 -16.31
C HIS A 99 0.56 6.11 -16.96
N PRO A 100 0.94 7.35 -16.57
CA PRO A 100 2.07 7.94 -17.28
C PRO A 100 3.41 7.25 -16.96
N PRO A 101 4.41 7.45 -17.82
CA PRO A 101 5.73 6.87 -17.57
C PRO A 101 6.30 7.39 -16.25
N LYS A 102 7.18 6.61 -15.64
CA LYS A 102 7.83 7.00 -14.38
C LYS A 102 8.52 8.37 -14.48
N GLN A 103 8.26 9.24 -13.51
CA GLN A 103 8.83 10.58 -13.52
C GLN A 103 9.01 11.02 -12.06
N TRP A 104 10.25 10.98 -11.55
CA TRP A 104 10.48 11.41 -10.16
C TRP A 104 10.36 12.93 -10.04
N GLY A 105 10.70 13.63 -11.11
CA GLY A 105 10.57 15.08 -11.17
C GLY A 105 11.78 15.80 -10.62
N ASP A 106 11.65 17.11 -10.48
CA ASP A 106 12.73 17.96 -9.96
C ASP A 106 12.67 18.01 -8.43
N ILE A 107 13.55 17.28 -7.78
CA ILE A 107 13.51 17.16 -6.32
C ILE A 107 13.72 18.51 -5.64
N ASN A 108 14.48 19.37 -6.29
CA ASN A 108 14.79 20.66 -5.69
C ASN A 108 13.61 21.60 -5.58
N THR A 109 12.52 21.26 -6.27
CA THR A 109 11.28 22.03 -6.13
C THR A 109 10.45 21.63 -4.89
N LEU A 110 10.82 20.53 -4.23
CA LEU A 110 10.15 20.14 -2.99
C LEU A 110 10.66 20.96 -1.80
N VAL A 111 9.84 21.07 -0.75
CA VAL A 111 10.21 21.91 0.39
C VAL A 111 10.17 21.19 1.71
N GLY A 112 10.84 21.78 2.72
CA GLY A 112 10.74 21.28 4.08
C GLY A 112 9.38 21.71 4.59
N LEU A 113 8.71 20.84 5.32
CA LEU A 113 7.30 21.09 5.57
C LEU A 113 6.89 21.92 6.78
N ASP A 114 7.72 21.99 7.79
CA ASP A 114 7.32 22.65 9.04
C ASP A 114 8.63 22.97 9.76
N PRO A 115 9.38 23.95 9.24
CA PRO A 115 10.72 24.26 9.76
C PRO A 115 10.80 24.45 11.27
N ALA A 116 9.77 25.06 11.85
CA ALA A 116 9.72 25.29 13.30
C ALA A 116 9.50 24.00 14.09
N GLY A 117 9.07 22.94 13.43
CA GLY A 117 8.84 21.66 14.09
C GLY A 117 7.66 21.69 15.04
N GLN A 118 6.61 22.42 14.66
CA GLN A 118 5.47 22.66 15.52
C GLN A 118 4.38 21.62 15.36
N PHE A 119 4.33 20.99 14.18
CA PHE A 119 3.24 20.07 13.83
C PHE A 119 3.67 18.67 13.42
N ILE A 120 4.70 18.58 12.57
CA ILE A 120 5.07 17.30 11.96
C ILE A 120 6.07 16.57 12.84
N ILE A 121 5.78 15.32 13.14
CA ILE A 121 6.67 14.48 13.97
C ILE A 121 7.68 13.72 13.11
N SER A 122 7.21 13.19 11.99
CA SER A 122 8.05 12.35 11.13
C SER A 122 7.45 12.23 9.71
N THR A 123 8.32 12.02 8.73
CA THR A 123 7.94 12.01 7.34
C THR A 123 8.39 10.69 6.71
N ARG A 124 7.56 10.09 5.88
CA ARG A 124 7.86 8.74 5.39
C ARG A 124 7.39 8.68 3.95
N VAL A 125 8.19 8.12 3.07
CA VAL A 125 7.68 7.89 1.71
C VAL A 125 7.96 6.44 1.37
N ARG A 126 6.96 5.71 0.88
CA ARG A 126 7.20 4.31 0.46
C ARG A 126 6.70 4.03 -0.95
N CYS A 127 7.33 3.06 -1.64
CA CYS A 127 6.80 2.51 -2.86
C CYS A 127 6.72 0.98 -2.75
N GLY A 128 6.01 0.35 -3.68
CA GLY A 128 5.88 -1.11 -3.67
C GLY A 128 6.34 -1.61 -4.99
N ARG A 129 6.85 -2.84 -5.03
CA ARG A 129 7.27 -3.41 -6.28
C ARG A 129 6.97 -4.90 -6.27
N SER A 130 6.69 -5.44 -7.44
CA SER A 130 6.46 -6.87 -7.57
C SER A 130 7.51 -7.42 -8.51
N LEU A 131 8.08 -8.58 -8.17
CA LEU A 131 9.12 -9.19 -8.98
C LEU A 131 8.56 -9.90 -10.21
N GLN A 132 9.15 -9.62 -11.37
CA GLN A 132 8.79 -10.28 -12.61
C GLN A 132 8.91 -11.78 -12.47
N GLY A 133 7.91 -12.50 -12.94
CA GLY A 133 7.98 -13.96 -12.92
C GLY A 133 7.32 -14.64 -11.73
N TYR A 134 6.84 -13.88 -10.75
CA TYR A 134 6.16 -14.44 -9.58
C TYR A 134 4.76 -13.90 -9.38
N PRO A 135 3.84 -14.75 -8.91
CA PRO A 135 2.51 -14.21 -8.64
C PRO A 135 2.41 -13.47 -7.30
N PHE A 136 1.22 -12.99 -6.96
CA PHE A 136 1.05 -12.34 -5.69
C PHE A 136 0.81 -13.37 -4.60
N ASN A 137 0.73 -12.90 -3.36
CA ASN A 137 0.70 -13.76 -2.16
C ASN A 137 -0.18 -15.02 -2.24
N PRO A 138 -1.44 -14.91 -2.72
CA PRO A 138 -2.28 -16.12 -2.57
C PRO A 138 -1.86 -17.26 -3.46
N CYS A 139 -1.03 -16.99 -4.45
CA CYS A 139 -0.63 -18.04 -5.38
C CYS A 139 0.81 -18.50 -5.18
N LEU A 140 1.49 -17.98 -4.17
CA LEU A 140 2.89 -18.35 -3.93
C LEU A 140 3.02 -19.62 -3.10
N THR A 141 4.02 -20.45 -3.42
CA THR A 141 4.39 -21.63 -2.62
C THR A 141 5.43 -21.21 -1.58
N ALA A 142 5.64 -22.03 -0.57
CA ALA A 142 6.68 -21.80 0.42
C ALA A 142 8.06 -21.68 -0.26
N GLU A 143 8.31 -22.51 -1.26
CA GLU A 143 9.58 -22.50 -1.98
C GLU A 143 9.80 -21.17 -2.66
N GLN A 144 8.73 -20.59 -3.18
CA GLN A 144 8.85 -19.33 -3.90
C GLN A 144 9.12 -18.20 -2.93
N TYR A 145 8.45 -18.20 -1.76
CA TYR A 145 8.72 -17.16 -0.76
C TYR A 145 10.21 -17.18 -0.39
N LYS A 146 10.80 -18.38 -0.21
CA LYS A 146 12.23 -18.45 0.16
C LYS A 146 13.15 -18.05 -0.99
N GLU A 147 12.74 -18.37 -2.21
CA GLU A 147 13.56 -18.06 -3.37
C GLU A 147 13.58 -16.53 -3.54
N MET A 148 12.42 -15.89 -3.36
CA MET A 148 12.38 -14.44 -3.51
C MET A 148 13.16 -13.76 -2.39
N GLU A 149 13.04 -14.30 -1.18
CA GLU A 149 13.77 -13.75 -0.07
C GLU A 149 15.27 -13.78 -0.36
N GLU A 150 15.75 -14.91 -0.89
CA GLU A 150 17.18 -15.04 -1.17
CA GLU A 150 17.16 -15.06 -1.19
C GLU A 150 17.62 -14.06 -2.24
N LYS A 151 16.82 -13.91 -3.30
CA LYS A 151 17.14 -13.00 -4.41
C LYS A 151 17.21 -11.57 -3.91
N VAL A 152 16.25 -11.19 -3.08
CA VAL A 152 16.17 -9.80 -2.65
C VAL A 152 17.28 -9.51 -1.62
N SER A 153 17.50 -10.41 -0.66
CA SER A 153 18.51 -10.16 0.36
C SER A 153 19.93 -10.09 -0.25
N SER A 154 20.18 -10.93 -1.25
CA SER A 154 21.46 -10.91 -1.94
C SER A 154 21.67 -9.56 -2.64
N THR A 155 20.64 -9.11 -3.36
CA THR A 155 20.67 -7.81 -4.01
C THR A 155 20.91 -6.66 -3.04
N LEU A 156 20.17 -6.65 -1.94
CA LEU A 156 20.30 -5.57 -0.98
C LEU A 156 21.67 -5.54 -0.31
N SER A 157 22.35 -6.68 -0.29
CA SER A 157 23.67 -6.73 0.36
C SER A 157 24.70 -5.89 -0.41
N SER A 158 24.37 -5.54 -1.65
CA SER A 158 25.24 -4.71 -2.47
C SER A 158 24.94 -3.21 -2.39
N MET A 159 24.05 -2.81 -1.49
CA MET A 159 23.78 -1.40 -1.31
C MET A 159 24.99 -0.76 -0.62
N GLU A 160 25.28 0.50 -0.94
CA GLU A 160 26.42 1.13 -0.32
C GLU A 160 26.16 2.49 0.28
N ASP A 161 27.12 2.93 1.08
CA ASP A 161 27.11 4.26 1.64
C ASP A 161 25.92 4.41 2.57
N GLU A 162 25.10 5.42 2.33
CA GLU A 162 23.99 5.72 3.21
C GLU A 162 23.01 4.55 3.28
N LEU A 163 22.97 3.79 2.20
CA LEU A 163 21.98 2.73 2.06
C LEU A 163 22.50 1.34 2.49
N LYS A 164 23.78 1.24 2.83
CA LYS A 164 24.33 -0.02 3.34
C LYS A 164 23.53 -0.45 4.52
N GLY A 165 23.23 -1.74 4.62
CA GLY A 165 22.45 -2.21 5.74
C GLY A 165 22.55 -3.70 5.98
N THR A 166 21.61 -4.21 6.78
CA THR A 166 21.57 -5.62 7.17
C THR A 166 20.18 -6.18 6.99
N TYR A 167 20.10 -7.43 6.57
CA TYR A 167 18.78 -8.06 6.42
C TYR A 167 18.51 -8.92 7.63
N TYR A 168 17.33 -8.75 8.22
CA TYR A 168 16.87 -9.52 9.38
C TYR A 168 15.63 -10.34 9.00
N PRO A 169 15.82 -11.66 8.86
CA PRO A 169 14.58 -12.45 8.63
C PRO A 169 13.71 -12.48 9.87
N LEU A 170 12.41 -12.52 9.65
CA LEU A 170 11.47 -12.58 10.75
C LEU A 170 11.61 -13.90 11.50
N THR A 171 11.95 -14.94 10.75
N THR A 171 11.98 -14.96 10.79
CA THR A 171 12.41 -16.19 11.33
CA THR A 171 12.08 -16.24 11.48
C THR A 171 13.80 -15.94 11.92
C THR A 171 13.15 -16.23 12.58
N GLY A 172 13.89 -15.99 13.24
N GLY A 172 14.18 -15.39 12.40
CA GLY A 172 15.15 -15.71 13.92
CA GLY A 172 15.28 -15.33 13.34
C GLY A 172 15.06 -14.42 14.71
C GLY A 172 15.15 -14.29 14.44
N MET A 173 13.99 -13.67 14.50
CA MET A 173 13.75 -12.48 15.32
C MET A 173 13.04 -12.85 16.61
N SER A 174 13.59 -12.43 17.74
CA SER A 174 12.91 -12.61 19.01
C SER A 174 11.63 -11.81 19.06
N LYS A 175 10.71 -12.23 19.93
CA LYS A 175 9.43 -11.57 20.05
C LYS A 175 9.64 -10.14 20.51
N ALA A 176 10.63 -9.96 21.40
CA ALA A 176 10.96 -8.65 21.94
C ALA A 176 11.46 -7.70 20.85
N THR A 177 12.34 -8.19 19.98
CA THR A 177 12.87 -7.35 18.91
C THR A 177 11.77 -7.00 17.92
N GLN A 178 10.95 -7.99 17.56
CA GLN A 178 9.87 -7.77 16.60
C GLN A 178 8.92 -6.73 17.13
N GLN A 179 8.54 -6.85 18.39
CA GLN A 179 7.56 -5.91 18.93
C GLN A 179 8.13 -4.48 18.99
N GLN A 180 9.40 -4.34 19.33
CA GLN A 180 10.00 -3.02 19.43
C GLN A 180 10.03 -2.31 18.08
N LEU A 181 10.41 -3.06 17.04
CA LEU A 181 10.46 -2.51 15.69
C LEU A 181 9.08 -2.11 15.16
N ILE A 182 8.06 -2.85 15.59
CA ILE A 182 6.69 -2.50 15.21
C ILE A 182 6.25 -1.25 15.97
N ASP A 183 6.51 -1.23 17.28
CA ASP A 183 6.10 -0.07 18.07
C ASP A 183 6.78 1.20 17.60
N ASP A 184 8.01 1.09 17.10
CA ASP A 184 8.73 2.27 16.65
C ASP A 184 8.45 2.60 15.18
N HIS A 185 7.48 1.92 14.58
CA HIS A 185 6.94 2.25 13.24
C HIS A 185 7.79 1.79 12.07
N PHE A 186 8.73 0.89 12.32
CA PHE A 186 9.66 0.45 11.30
C PHE A 186 9.17 -0.80 10.59
N LEU A 187 8.71 -1.77 11.37
CA LEU A 187 8.36 -3.09 10.85
C LEU A 187 6.86 -3.27 10.70
N PHE A 188 6.43 -4.07 9.71
CA PHE A 188 5.00 -4.34 9.49
C PHE A 188 4.43 -5.19 10.63
N LYS A 189 3.16 -5.02 10.90
CA LYS A 189 2.55 -5.83 11.92
C LYS A 189 2.30 -7.26 11.42
N GLU A 190 2.09 -8.16 12.36
CA GLU A 190 1.83 -9.53 12.05
C GLU A 190 0.35 -9.79 12.29
N GLY A 191 -0.26 -10.69 11.51
CA GLY A 191 -1.64 -11.08 11.77
C GLY A 191 -2.73 -10.11 11.32
N ASP A 192 -2.50 -9.43 10.19
CA ASP A 192 -3.53 -8.51 9.64
C ASP A 192 -4.74 -9.31 9.12
N ARG A 193 -5.94 -9.06 9.68
CA ARG A 193 -7.09 -9.92 9.35
C ARG A 193 -7.56 -9.75 7.89
N PHE A 194 -7.35 -8.56 7.33
CA PHE A 194 -7.68 -8.33 5.92
C PHE A 194 -6.80 -9.17 5.02
N LEU A 195 -5.49 -9.18 5.30
CA LEU A 195 -4.56 -10.00 4.53
C LEU A 195 -4.74 -11.46 4.77
N GLN A 196 -4.98 -11.86 6.02
CA GLN A 196 -5.15 -13.28 6.32
C GLN A 196 -6.29 -13.86 5.51
N THR A 197 -7.43 -13.16 5.46
CA THR A 197 -8.56 -13.73 4.81
C THR A 197 -8.43 -13.68 3.27
N ALA A 198 -7.45 -12.92 2.78
CA ALA A 198 -7.13 -12.92 1.36
C ALA A 198 -6.16 -14.05 1.00
N ASN A 199 -5.87 -14.90 1.99
CA ASN A 199 -4.88 -16.00 1.85
C ASN A 199 -3.50 -15.44 1.52
N ALA A 200 -3.18 -14.31 2.13
CA ALA A 200 -1.95 -13.62 1.82
C ALA A 200 -0.85 -13.83 2.86
N CYS A 201 -1.12 -14.63 3.90
CA CYS A 201 -0.14 -14.84 4.97
C CYS A 201 0.23 -16.26 5.12
N ARG A 202 0.04 -17.04 4.06
CA ARG A 202 0.39 -18.44 4.20
C ARG A 202 1.90 -18.64 4.49
N TYR A 203 2.19 -19.65 5.31
CA TYR A 203 3.55 -20.10 5.62
C TYR A 203 4.29 -19.10 6.51
N TRP A 204 3.56 -18.12 7.03
CA TRP A 204 4.15 -17.10 7.90
C TRP A 204 4.98 -17.76 9.04
N PRO A 205 6.21 -17.29 9.31
CA PRO A 205 6.89 -16.11 8.74
C PRO A 205 7.92 -16.44 7.64
N THR A 206 7.82 -17.61 7.03
CA THR A 206 8.80 -18.02 6.05
C THR A 206 8.92 -17.01 4.91
N GLY A 207 10.16 -16.62 4.60
CA GLY A 207 10.39 -15.70 3.50
C GLY A 207 10.11 -14.22 3.79
N ARG A 208 9.74 -13.88 5.03
CA ARG A 208 9.39 -12.47 5.40
C ARG A 208 10.55 -11.86 6.20
N GLY A 209 10.82 -10.58 6.01
CA GLY A 209 11.92 -10.01 6.78
C GLY A 209 11.98 -8.51 6.51
N ILE A 210 12.95 -7.86 7.12
CA ILE A 210 13.16 -6.45 6.96
C ILE A 210 14.64 -6.16 6.78
N PHE A 211 14.96 -5.30 5.81
CA PHE A 211 16.31 -4.80 5.64
C PHE A 211 16.34 -3.38 6.13
N HIS A 212 17.35 -2.97 6.89
CA HIS A 212 17.47 -1.52 7.13
C HIS A 212 18.92 -1.06 7.33
N ASN A 213 19.16 0.22 7.10
CA ASN A 213 20.46 0.79 7.39
C ASN A 213 20.57 1.05 8.88
N ASP A 214 21.76 1.43 9.38
CA ASP A 214 21.95 1.58 10.83
C ASP A 214 21.09 2.68 11.46
N ALA A 215 20.86 3.77 10.72
CA ALA A 215 20.05 4.87 11.23
C ALA A 215 18.53 4.60 11.15
N LYS A 216 18.18 3.49 10.50
CA LYS A 216 16.78 3.19 10.15
C LYS A 216 16.08 4.33 9.41
N THR A 217 16.81 4.93 8.47
CA THR A 217 16.20 5.92 7.56
C THR A 217 15.84 5.31 6.23
N PHE A 218 16.38 4.12 5.99
CA PHE A 218 16.07 3.41 4.75
C PHE A 218 15.76 1.99 5.10
N LEU A 219 14.58 1.51 4.66
CA LEU A 219 14.15 0.18 5.03
C LEU A 219 13.51 -0.52 3.85
N VAL A 220 13.60 -1.83 3.84
CA VAL A 220 12.90 -2.58 2.84
C VAL A 220 12.14 -3.72 3.52
N TRP A 221 10.84 -3.82 3.24
CA TRP A 221 10.06 -4.96 3.73
C TRP A 221 10.00 -6.01 2.67
N VAL A 222 10.21 -7.27 3.05
CA VAL A 222 10.23 -8.37 2.11
C VAL A 222 9.06 -9.32 2.36
N ASN A 223 8.21 -9.48 1.34
CA ASN A 223 7.08 -10.42 1.33
C ASN A 223 5.99 -10.19 2.40
N GLU A 224 5.66 -8.92 2.68
CA GLU A 224 4.44 -8.64 3.43
C GLU A 224 3.31 -8.54 2.38
N GLU A 225 2.74 -7.35 2.20
CA GLU A 225 1.59 -7.23 1.31
C GLU A 225 2.05 -7.34 -0.15
N ASP A 226 3.17 -6.69 -0.47
CA ASP A 226 3.77 -6.77 -1.78
C ASP A 226 5.10 -7.45 -1.65
N HIS A 227 5.66 -7.86 -2.78
CA HIS A 227 6.95 -8.58 -2.72
C HIS A 227 7.99 -7.69 -2.04
N LEU A 228 8.02 -6.41 -2.43
CA LEU A 228 8.94 -5.43 -1.83
C LEU A 228 8.15 -4.20 -1.45
N ARG A 229 8.40 -3.65 -0.27
CA ARG A 229 8.07 -2.25 0.00
C ARG A 229 9.38 -1.55 0.30
N ILE A 230 9.60 -0.41 -0.33
CA ILE A 230 10.87 0.32 -0.19
C ILE A 230 10.51 1.61 0.52
N ILE A 231 11.18 1.89 1.63
CA ILE A 231 10.76 2.93 2.57
C ILE A 231 11.88 3.90 2.92
N SER A 232 11.61 5.20 2.86
CA SER A 232 12.54 6.20 3.38
C SER A 232 11.78 6.98 4.44
N MET A 233 12.35 7.18 5.63
CA MET A 233 11.63 7.88 6.71
C MET A 233 12.61 8.51 7.73
N GLN A 234 12.20 9.62 8.38
CA GLN A 234 13.00 10.17 9.46
C GLN A 234 12.10 11.12 10.24
N LYS A 235 12.56 11.50 11.44
CA LYS A 235 11.89 12.50 12.23
C LYS A 235 11.92 13.84 11.50
N GLY A 236 10.94 14.70 11.78
CA GLY A 236 10.94 16.05 11.21
C GLY A 236 10.23 16.06 9.86
N GLY A 237 10.38 17.16 9.11
CA GLY A 237 9.55 17.44 7.94
C GLY A 237 10.30 17.60 6.65
N ASP A 238 11.54 17.12 6.60
CA ASP A 238 12.38 17.40 5.45
C ASP A 238 12.02 16.38 4.34
N LEU A 239 10.93 16.67 3.66
CA LEU A 239 10.43 15.82 2.60
C LEU A 239 11.44 15.72 1.46
N LYS A 240 12.15 16.80 1.18
CA LYS A 240 13.08 16.80 0.05
C LYS A 240 14.16 15.70 0.27
N THR A 241 14.74 15.66 1.47
CA THR A 241 15.75 14.66 1.80
C THR A 241 15.17 13.25 1.83
N VAL A 242 13.98 13.10 2.41
CA VAL A 242 13.33 11.78 2.48
C VAL A 242 13.10 11.23 1.08
N TYR A 243 12.57 12.10 0.22
CA TYR A 243 12.24 11.68 -1.14
C TYR A 243 13.47 11.38 -1.96
N LYS A 244 14.47 12.25 -1.87
CA LYS A 244 15.71 12.02 -2.59
C LYS A 244 16.35 10.65 -2.24
N ARG A 245 16.31 10.28 -0.97
CA ARG A 245 16.87 8.98 -0.54
C ARG A 245 16.08 7.82 -1.19
N LEU A 246 14.77 7.96 -1.24
CA LEU A 246 13.94 6.94 -1.83
C LEU A 246 14.24 6.76 -3.32
N VAL A 247 14.35 7.89 -4.05
CA VAL A 247 14.61 7.86 -5.48
C VAL A 247 15.93 7.15 -5.75
N THR A 248 16.94 7.52 -4.97
CA THR A 248 18.25 6.91 -5.14
C THR A 248 18.18 5.40 -4.96
N ALA A 249 17.50 4.98 -3.90
CA ALA A 249 17.38 3.56 -3.55
C ALA A 249 16.60 2.79 -4.62
N VAL A 250 15.48 3.35 -5.08
CA VAL A 250 14.65 2.64 -6.05
C VAL A 250 15.37 2.49 -7.38
N ASP A 251 15.99 3.58 -7.87
CA ASP A 251 16.70 3.54 -9.13
C ASP A 251 17.83 2.51 -9.09
N ASN A 252 18.49 2.45 -7.96
CA ASN A 252 19.53 1.48 -7.75
C ASN A 252 19.01 0.04 -7.75
N ILE A 253 17.95 -0.21 -7.01
CA ILE A 253 17.41 -1.58 -6.96
C ILE A 253 16.84 -2.02 -8.32
N GLU A 254 16.20 -1.09 -9.06
CA GLU A 254 15.57 -1.42 -10.33
C GLU A 254 16.56 -1.88 -11.36
N SER A 255 17.80 -1.43 -11.24
CA SER A 255 18.79 -1.86 -12.22
C SER A 255 19.26 -3.29 -11.90
N LYS A 256 18.85 -3.83 -10.75
CA LYS A 256 19.32 -5.17 -10.33
C LYS A 256 18.19 -6.21 -10.29
N LEU A 257 16.96 -5.76 -10.13
CA LEU A 257 15.83 -6.69 -10.03
C LEU A 257 14.76 -6.27 -11.03
N PRO A 258 14.31 -7.20 -11.87
CA PRO A 258 13.22 -6.87 -12.82
C PRO A 258 11.89 -6.82 -12.11
N PHE A 259 11.16 -5.71 -12.26
CA PHE A 259 9.85 -5.56 -11.64
C PHE A 259 8.76 -5.61 -12.66
N SER A 260 7.57 -6.03 -12.23
CA SER A 260 6.41 -6.08 -13.14
C SER A 260 5.83 -4.68 -13.38
N HIS A 261 5.73 -4.32 -14.65
CA HIS A 261 5.20 -3.03 -15.06
C HIS A 261 4.15 -3.31 -16.13
N ASP A 262 3.07 -2.53 -16.11
CA ASP A 262 2.00 -2.73 -17.07
C ASP A 262 1.78 -1.45 -17.87
N ASP A 263 1.42 -1.59 -19.14
CA ASP A 263 1.34 -0.40 -19.98
C ASP A 263 0.19 0.48 -19.55
N ARG A 264 -0.87 -0.13 -19.04
CA ARG A 264 -2.01 0.64 -18.55
C ARG A 264 -1.88 0.98 -17.04
N PHE A 265 -1.52 0.01 -16.20
CA PHE A 265 -1.60 0.23 -14.75
C PHE A 265 -0.29 0.65 -14.09
N GLY A 266 0.79 0.78 -14.86
CA GLY A 266 2.07 1.12 -14.25
C GLY A 266 2.62 -0.06 -13.45
N PHE A 267 3.22 0.22 -12.31
CA PHE A 267 3.81 -0.88 -11.51
C PHE A 267 2.69 -1.68 -10.84
N LEU A 268 2.74 -3.00 -10.98
CA LEU A 268 1.68 -3.89 -10.47
C LEU A 268 1.88 -4.24 -9.00
N THR A 269 0.78 -4.24 -8.26
CA THR A 269 0.82 -4.52 -6.83
C THR A 269 -0.37 -5.43 -6.53
N PHE A 270 -0.36 -5.94 -5.30
CA PHE A 270 -1.36 -6.91 -4.84
C PHE A 270 -2.75 -6.25 -4.65
N CYS A 271 -2.80 -5.04 -4.10
CA CYS A 271 -4.07 -4.31 -3.90
CA CYS A 271 -4.09 -4.36 -3.97
C CYS A 271 -4.15 -3.21 -4.98
N PRO A 272 -5.32 -3.02 -5.62
CA PRO A 272 -5.43 -2.00 -6.68
C PRO A 272 -5.22 -0.56 -6.16
N THR A 273 -5.29 -0.32 -4.85
CA THR A 273 -5.08 1.07 -4.40
C THR A 273 -3.60 1.42 -4.48
N ASN A 274 -2.74 0.41 -4.67
CA ASN A 274 -1.32 0.68 -4.75
C ASN A 274 -0.71 0.67 -6.15
N LEU A 275 -1.54 0.57 -7.20
CA LEU A 275 -1.02 0.56 -8.58
C LEU A 275 -0.33 1.86 -9.02
N GLY A 276 0.36 1.82 -10.16
CA GLY A 276 0.74 3.07 -10.86
C GLY A 276 2.07 3.50 -10.32
N THR A 277 2.07 4.56 -9.53
CA THR A 277 3.30 5.00 -8.84
C THR A 277 3.62 4.14 -7.61
N THR A 278 2.57 3.51 -7.05
CA THR A 278 2.64 2.72 -5.80
C THR A 278 3.07 3.58 -4.60
N MET A 279 3.04 4.90 -4.74
CA MET A 279 3.68 5.73 -3.70
CA MET A 279 3.63 5.83 -3.78
C MET A 279 2.70 6.21 -2.65
N ARG A 280 3.12 6.05 -1.40
CA ARG A 280 2.37 6.65 -0.29
C ARG A 280 3.35 7.53 0.51
N ALA A 281 3.15 8.84 0.46
CA ALA A 281 4.02 9.83 1.14
C ALA A 281 3.19 10.29 2.31
N SER A 282 3.68 10.12 3.53
CA SER A 282 2.89 10.45 4.70
C SER A 282 3.65 11.28 5.72
N VAL A 283 2.90 11.98 6.57
CA VAL A 283 3.46 12.59 7.78
C VAL A 283 2.70 12.06 8.96
N HIS A 284 3.38 11.96 10.08
CA HIS A 284 2.72 11.84 11.38
C HIS A 284 2.64 13.27 11.88
N ILE A 285 1.42 13.73 12.15
CA ILE A 285 1.23 15.17 12.33
C ILE A 285 0.21 15.39 13.43
N GLN A 286 0.40 16.45 14.23
CA GLN A 286 -0.55 16.82 15.27
C GLN A 286 -1.22 18.10 14.85
N LEU A 287 -2.54 18.06 14.73
CA LEU A 287 -3.33 19.24 14.39
C LEU A 287 -4.41 19.41 15.48
N PRO A 288 -4.04 19.97 16.62
CA PRO A 288 -4.96 19.83 17.74
C PRO A 288 -6.33 20.45 17.53
N LYS A 289 -6.38 21.59 16.84
CA LYS A 289 -7.65 22.25 16.69
C LYS A 289 -8.49 21.56 15.61
N LEU A 290 -7.90 21.23 14.46
CA LEU A 290 -8.68 20.57 13.41
C LEU A 290 -9.07 19.13 13.73
N ALA A 291 -8.32 18.50 14.61
CA ALA A 291 -8.51 17.07 14.84
C ALA A 291 -9.28 16.84 16.11
N LYS A 292 -10.05 17.85 16.51
CA LYS A 292 -10.95 17.72 17.65
C LYS A 292 -11.99 16.66 17.32
N ASP A 293 -12.36 16.62 16.05
CA ASP A 293 -13.32 15.64 15.57
C ASP A 293 -12.73 14.90 14.37
N ARG A 294 -12.49 13.59 14.49
CA ARG A 294 -11.84 12.85 13.40
C ARG A 294 -12.62 12.98 12.09
N LYS A 295 -13.92 13.20 12.20
CA LYS A 295 -14.79 13.29 11.05
C LYS A 295 -14.54 14.57 10.26
N VAL A 296 -14.40 15.70 10.96
CA VAL A 296 -14.14 16.98 10.30
C VAL A 296 -12.72 16.94 9.70
N LEU A 297 -11.80 16.29 10.40
CA LEU A 297 -10.44 16.16 9.91
C LEU A 297 -10.46 15.41 8.59
N GLU A 298 -11.17 14.27 8.56
CA GLU A 298 -11.26 13.46 7.35
C GLU A 298 -11.94 14.21 6.21
N ASP A 299 -12.92 15.03 6.54
CA ASP A 299 -13.60 15.83 5.52
C ASP A 299 -12.68 16.86 4.89
N ILE A 300 -11.90 17.54 5.73
CA ILE A 300 -10.92 18.49 5.23
C ILE A 300 -9.88 17.79 4.39
N ALA A 301 -9.34 16.69 4.91
CA ALA A 301 -8.32 15.92 4.19
C ALA A 301 -8.78 15.54 2.80
N SER A 302 -10.03 15.12 2.67
CA SER A 302 -10.49 14.56 1.41
C SER A 302 -10.59 15.64 0.35
N LYS A 303 -10.78 16.89 0.78
CA LYS A 303 -10.80 18.03 -0.14
C LYS A 303 -9.45 18.23 -0.86
N PHE A 304 -8.38 17.79 -0.22
CA PHE A 304 -7.04 17.86 -0.79
C PHE A 304 -6.54 16.51 -1.29
N ASN A 305 -7.46 15.58 -1.49
CA ASN A 305 -7.11 14.22 -1.93
C ASN A 305 -6.18 13.51 -0.97
N LEU A 306 -6.32 13.77 0.34
CA LEU A 306 -5.51 13.10 1.34
C LEU A 306 -6.35 12.06 2.07
N GLN A 307 -5.68 11.05 2.57
CA GLN A 307 -6.33 10.06 3.42
C GLN A 307 -5.79 10.15 4.84
N VAL A 308 -6.64 9.84 5.80
CA VAL A 308 -6.24 9.83 7.21
C VAL A 308 -6.18 8.42 7.79
N ARG A 309 -5.08 8.06 8.46
CA ARG A 309 -4.92 6.75 9.15
C ARG A 309 -4.50 6.97 10.60
N GLY A 310 -4.65 5.96 11.46
CA GLY A 310 -4.23 6.06 12.85
C GLY A 310 -2.74 6.00 13.02
N THR A 311 -2.26 6.12 14.26
CA THR A 311 -0.84 6.26 14.52
C THR A 311 -0.04 4.98 14.17
N ARG A 312 -0.67 3.82 14.30
CA ARG A 312 0.02 2.56 14.01
C ARG A 312 -0.34 2.04 12.64
N GLY A 313 -0.91 2.91 11.81
CA GLY A 313 -1.18 2.53 10.43
C GLY A 313 -2.67 2.40 10.13
N GLU A 314 -3.01 1.92 8.94
CA GLU A 314 -4.44 1.83 8.61
C GLU A 314 -5.18 0.92 9.60
N HIS A 315 -6.49 1.17 9.74
CA HIS A 315 -7.32 0.46 10.70
C HIS A 315 -6.83 0.55 12.14
N THR A 316 -6.17 1.66 12.50
CA THR A 316 -5.82 1.87 13.92
C THR A 316 -6.32 3.25 14.34
N GLU A 317 -6.29 3.49 15.64
CA GLU A 317 -6.76 4.76 16.19
C GLU A 317 -5.60 5.73 16.32
N SER A 318 -5.94 6.98 16.50
CA SER A 318 -4.94 7.99 16.81
C SER A 318 -4.51 7.84 18.26
N GLU A 319 -3.20 7.86 18.49
CA GLU A 319 -2.68 7.89 19.84
C GLU A 319 -2.08 9.25 20.10
N GLY A 320 -2.63 9.94 21.11
CA GLY A 320 -2.12 11.24 21.49
C GLY A 320 -2.32 12.27 20.40
N GLY A 321 -3.40 12.14 19.65
CA GLY A 321 -3.70 13.11 18.62
C GLY A 321 -2.74 13.10 17.45
N VAL A 322 -1.91 12.05 17.34
CA VAL A 322 -1.05 11.90 16.16
C VAL A 322 -1.77 11.16 15.02
N TYR A 323 -1.92 11.83 13.87
CA TYR A 323 -2.48 11.18 12.68
C TYR A 323 -1.48 10.98 11.58
N ASP A 324 -1.74 9.94 10.79
CA ASP A 324 -1.02 9.64 9.57
C ASP A 324 -1.83 10.21 8.44
N ILE A 325 -1.28 11.23 7.74
CA ILE A 325 -1.97 11.82 6.62
CA ILE A 325 -1.95 11.88 6.62
C ILE A 325 -1.09 11.68 5.38
N SER A 326 -1.70 11.27 4.28
CA SER A 326 -0.89 10.88 3.11
C SER A 326 -1.69 11.14 1.85
N ASN A 327 -1.02 11.14 0.70
CA ASN A 327 -1.76 11.14 -0.57
C ASN A 327 -2.57 9.85 -0.75
N LYS A 328 -3.84 10.02 -1.16
CA LYS A 328 -4.72 8.88 -1.38
C LYS A 328 -4.46 8.22 -2.74
N ARG A 329 -4.19 9.07 -3.75
CA ARG A 329 -4.19 8.63 -5.15
C ARG A 329 -2.80 8.15 -5.53
N ARG A 330 -2.71 7.08 -6.32
CA ARG A 330 -1.37 6.56 -6.69
C ARG A 330 -1.24 6.26 -8.18
N LEU A 331 -2.38 6.12 -8.86
CA LEU A 331 -2.47 5.75 -10.27
C LEU A 331 -3.01 6.93 -11.06
N GLY A 332 -2.42 7.19 -12.22
CA GLY A 332 -2.99 8.24 -13.08
C GLY A 332 -2.31 9.59 -12.92
N LEU A 333 -1.25 9.59 -12.12
CA LEU A 333 -0.46 10.79 -11.89
C LEU A 333 0.99 10.32 -11.72
N THR A 334 1.98 11.18 -11.95
CA THR A 334 3.37 10.76 -11.80
C THR A 334 3.82 10.67 -10.34
N GLU A 335 4.96 10.05 -10.09
CA GLU A 335 5.53 10.04 -8.74
C GLU A 335 5.67 11.47 -8.19
N TYR A 336 6.19 12.38 -9.02
CA TYR A 336 6.31 13.77 -8.58
C TYR A 336 4.95 14.38 -8.22
N GLN A 337 3.97 14.17 -9.06
CA GLN A 337 2.63 14.69 -8.76
C GLN A 337 2.09 14.09 -7.46
N ALA A 338 2.36 12.81 -7.17
CA ALA A 338 1.83 12.21 -5.95
C ALA A 338 2.45 12.83 -4.71
N VAL A 339 3.77 12.97 -4.73
CA VAL A 339 4.44 13.56 -3.57
C VAL A 339 4.03 15.04 -3.45
N ARG A 340 3.84 15.74 -4.58
CA ARG A 340 3.36 17.11 -4.54
C ARG A 340 1.95 17.20 -3.97
N GLU A 341 1.07 16.24 -4.27
CA GLU A 341 -0.28 16.33 -3.75
C GLU A 341 -0.23 16.25 -2.20
N MET A 342 0.66 15.42 -1.67
CA MET A 342 0.81 15.38 -0.22
CA MET A 342 0.83 15.37 -0.23
C MET A 342 1.42 16.67 0.32
N GLN A 343 2.49 17.17 -0.32
CA GLN A 343 3.12 18.38 0.20
C GLN A 343 2.15 19.56 0.20
N ASP A 344 1.50 19.77 -0.95
CA ASP A 344 0.62 20.93 -1.11
C ASP A 344 -0.59 20.83 -0.15
N GLY A 345 -1.11 19.64 0.04
CA GLY A 345 -2.25 19.45 0.91
C GLY A 345 -1.90 19.66 2.38
N ILE A 346 -0.75 19.16 2.79
CA ILE A 346 -0.32 19.28 4.18
C ILE A 346 -0.05 20.75 4.45
N LEU A 347 0.54 21.44 3.47
CA LEU A 347 0.80 22.87 3.70
C LEU A 347 -0.53 23.63 3.91
N GLU A 348 -1.56 23.26 3.15
CA GLU A 348 -2.87 23.92 3.31
C GLU A 348 -3.50 23.53 4.64
N MET A 349 -3.36 22.26 5.04
CA MET A 349 -3.92 21.86 6.31
C MET A 349 -3.23 22.61 7.48
N ILE A 350 -1.94 22.80 7.39
CA ILE A 350 -1.28 23.57 8.43
C ILE A 350 -1.80 25.01 8.44
N LYS A 351 -2.02 25.59 7.27
CA LYS A 351 -2.55 26.96 7.24
C LYS A 351 -3.93 27.03 7.92
N MET A 352 -4.75 26.02 7.68
CA MET A 352 -6.07 25.95 8.28
C MET A 352 -5.99 25.76 9.78
N GLU A 353 -5.09 24.90 10.25
CA GLU A 353 -4.89 24.71 11.68
C GLU A 353 -4.53 26.03 12.33
N LYS A 354 -3.69 26.81 11.65
CA LYS A 354 -3.25 28.08 12.22
C LYS A 354 -4.36 29.12 12.35
N ALA A 355 -5.37 29.05 11.49
CA ALA A 355 -6.48 29.98 11.51
C ALA A 355 -7.67 29.42 12.30
N ALA A 356 -7.57 28.17 12.74
CA ALA A 356 -8.71 27.53 13.41
C ALA A 356 -8.86 28.05 14.82
N ALA A 357 -10.12 28.11 15.25
CA ALA A 357 -10.49 28.69 16.53
C ALA A 357 -10.05 27.80 17.68
PB ADP B . 1.93 1.18 4.37
O1B ADP B . 1.16 1.74 3.22
O2B ADP B . 3.41 1.51 4.33
O3B ADP B . 1.87 -0.35 4.42
PA ADP B . 0.51 1.22 6.97
O1A ADP B . -0.69 2.10 7.25
O2A ADP B . 0.31 -0.30 6.79
O3A ADP B . 1.30 1.82 5.70
O5' ADP B . 1.49 1.57 8.16
C5' ADP B . 2.80 0.94 8.16
C4' ADP B . 3.68 1.51 9.25
O4' ADP B . 4.20 2.78 8.83
C3' ADP B . 2.98 1.72 10.58
O3' ADP B . 3.82 1.33 11.67
C2' ADP B . 2.82 3.24 10.65
O2' ADP B . 2.86 3.70 11.98
C1' ADP B . 4.05 3.69 9.92
N9 ADP B . 4.02 5.05 9.36
C8 ADP B . 3.26 5.47 8.31
N7 ADP B . 3.58 6.79 8.07
C5 ADP B . 4.50 7.17 8.99
C6 ADP B . 5.22 8.41 9.30
N6 ADP B . 5.01 9.54 8.57
N1 ADP B . 6.10 8.36 10.31
C2 ADP B . 6.34 7.29 11.07
N3 ADP B . 5.71 6.13 10.84
C4 ADP B . 4.78 6.03 9.84
N ARG C . -8.50 -4.82 2.36
CA ARG C . -8.50 -3.65 3.23
C ARG C . -9.77 -2.84 3.02
O ARG C . -10.56 -3.15 2.12
CB ARG C . -7.25 -2.79 2.99
CG ARG C . -7.22 -2.15 1.60
CD ARG C . -6.34 -0.93 1.54
NE ARG C . -5.05 -1.21 2.17
CZ ARG C . -4.07 -1.92 1.60
NH1 ARG C . -2.95 -2.13 2.29
NH2 ARG C . -4.22 -2.47 0.39
OXT ARG C . -10.00 -1.88 3.75
N NO3 D . -1.10 -0.13 2.53
O1 NO3 D . -1.03 -0.39 3.77
O2 NO3 D . -1.86 0.80 2.08
O3 NO3 D . -0.40 -0.83 1.71
MG MG E . 0.56 -1.66 5.22
#